data_6UYF
#
_entry.id   6UYF
#
_cell.length_a   175.214
_cell.length_b   54.040
_cell.length_c   71.486
_cell.angle_alpha   90.000
_cell.angle_beta   94.740
_cell.angle_gamma   90.000
#
_symmetry.space_group_name_H-M   'C 1 2 1'
#
loop_
_entity.id
_entity.type
_entity.pdbx_description
1 polymer 'Fab AR3B heavy chain'
2 polymer 'Fab AR3B light chain'
3 polymer 'Envelope glycoprotein E2'
4 branched 2-acetamido-2-deoxy-beta-D-glucopyranose-(1-4)-2-acetamido-2-deoxy-beta-D-glucopyranose
5 branched alpha-D-mannopyranose-(1-3)-beta-D-mannopyranose-(1-4)-2-acetamido-2-deoxy-beta-D-glucopyranose-(1-4)-2-acetamido-2-deoxy-beta-D-glucopyranose
6 non-polymer 2-acetamido-2-deoxy-beta-D-glucopyranose
7 water water
#
loop_
_entity_poly.entity_id
_entity_poly.type
_entity_poly.pdbx_seq_one_letter_code
_entity_poly.pdbx_strand_id
1 'polypeptide(L)'
;LLEQSGPEVKKPGSSVKVSCKDSGDTFNEPVTWVRQAPGQGLEWIGGIIPAFGVTKYAQKFQGRVIISADASTATAYLEL
SSLRSEDTAVYYCAKVGLRGIVMVGGLAMNWLDPWGQGTQVTVSSASTKGPSVFPLAPSSKSTSGGTAALGCLVKDYFPE
PVTVSWNSGALTSGVHTFPAVLQSSGLYSLSSVVTVPSSSLGTQTYICNVNHKPSNTKVDKKVEPKSCGS
;
H
2 'polypeptide(L)'
;EIELTQSPGTLSLSPGERATLSCRASQSVSSSYLAWYQQKPGQAPRLLIYGASSRATGIPDRFSGSGSGTDFTLTISRLE
PEDFAVYYCQQYGSSPQTFGQGTKVEIKRTVAAPSVFIFPPSDEQLKSGTASVVCLLNNFYPREAKVQWKVDNALQSGNS
QESVTEQDSKDSTYSLSSTLTLSKADYEKHKVYACEVTHQGLSSPVTKSFNRGEC
;
L
3 'polypeptide(L)'
;QLINTNGSWHINRTALNCNDSLQTGFITSLFYAKNVDSSGCQNWDEPHYPRPCDVVSARTVCGPVYCFTPSPVVVGTTDK
LGIPTYNWGENETDVFMLESLGGWFGCTWMNSTGFTKTCGAPPGGPTDGGSGPWITPRCLVDYPYRLWHYPCTVNFTLHK
VRMFVGGIEHRFDAACN
;
E
#
loop_
_chem_comp.id
_chem_comp.type
_chem_comp.name
_chem_comp.formula
BMA D-saccharide, beta linking beta-D-mannopyranose 'C6 H12 O6'
MAN D-saccharide, alpha linking alpha-D-mannopyranose 'C6 H12 O6'
NAG D-saccharide, beta linking 2-acetamido-2-deoxy-beta-D-glucopyranose 'C8 H15 N O6'
#
# COMPACT_ATOMS: atom_id res chain seq x y z
N LEU A 1 0.41 -14.06 -5.56
CA LEU A 1 1.27 -13.28 -4.67
C LEU A 1 2.08 -12.25 -5.45
N LEU A 2 2.24 -11.04 -4.92
CA LEU A 2 3.15 -10.07 -5.53
C LEU A 2 4.35 -9.89 -4.62
N GLU A 3 5.52 -10.10 -5.22
CA GLU A 3 6.79 -9.96 -4.51
C GLU A 3 7.44 -8.66 -4.96
N GLN A 4 7.66 -7.77 -4.02
CA GLN A 4 8.34 -6.50 -4.30
C GLN A 4 9.81 -6.61 -3.94
N SER A 5 10.62 -5.76 -4.57
CA SER A 5 12.05 -5.70 -4.33
C SER A 5 12.34 -5.21 -2.91
N GLY A 6 13.60 -5.38 -2.48
CA GLY A 6 13.97 -5.10 -1.12
C GLY A 6 14.14 -3.63 -0.85
N PRO A 7 14.48 -3.30 0.39
CA PRO A 7 14.56 -1.90 0.80
C PRO A 7 15.65 -1.14 0.04
N GLU A 8 15.42 0.16 -0.11
CA GLU A 8 16.31 1.04 -0.85
C GLU A 8 16.71 2.21 0.03
N VAL A 9 17.95 2.66 -0.13
CA VAL A 9 18.51 3.80 0.60
C VAL A 9 19.18 4.72 -0.40
N LYS A 10 18.84 6.00 -0.38
CA LYS A 10 19.17 6.90 -1.47
C LYS A 10 19.58 8.27 -0.94
N LYS A 11 20.50 8.92 -1.64
CA LYS A 11 20.84 10.31 -1.36
C LYS A 11 19.88 11.24 -2.09
N PRO A 12 19.67 12.46 -1.57
CA PRO A 12 18.80 13.42 -2.27
C PRO A 12 19.27 13.66 -3.69
N GLY A 13 18.31 13.89 -4.58
CA GLY A 13 18.60 14.11 -5.98
C GLY A 13 18.79 12.85 -6.81
N SER A 14 18.87 11.67 -6.19
CA SER A 14 19.05 10.44 -6.94
C SER A 14 17.70 9.91 -7.42
N SER A 15 17.73 8.74 -8.07
CA SER A 15 16.56 8.04 -8.53
C SER A 15 16.53 6.62 -7.93
N VAL A 16 15.33 6.05 -7.85
CA VAL A 16 15.15 4.68 -7.37
C VAL A 16 14.10 3.99 -8.22
N LYS A 17 14.29 2.68 -8.44
CA LYS A 17 13.35 1.88 -9.21
C LYS A 17 12.96 0.66 -8.38
N VAL A 18 11.69 0.58 -8.01
CA VAL A 18 11.24 -0.57 -7.26
C VAL A 18 10.38 -1.44 -8.16
N SER A 19 10.40 -2.74 -7.85
CA SER A 19 9.78 -3.72 -8.73
C SER A 19 8.70 -4.51 -7.99
N CYS A 20 7.79 -5.08 -8.79
CA CYS A 20 6.61 -5.78 -8.29
C CYS A 20 6.34 -6.97 -9.20
N LYS A 21 6.75 -8.16 -8.79
CA LYS A 21 6.68 -9.39 -9.58
C LYS A 21 5.53 -10.25 -9.08
N ASP A 22 4.67 -10.74 -9.97
CA ASP A 22 3.58 -11.60 -9.55
C ASP A 22 3.76 -13.02 -10.06
N SER A 23 3.25 -13.97 -9.28
CA SER A 23 3.38 -15.30 -9.86
C SER A 23 2.01 -15.97 -9.99
N ASP A 25 -0.45 -15.46 -12.37
CA ASP A 25 -0.44 -15.42 -13.83
C ASP A 25 -1.23 -14.22 -14.32
N THR A 26 -1.28 -13.10 -13.61
CA THR A 26 -2.20 -12.02 -13.89
C THR A 26 -1.45 -10.74 -14.24
N PHE A 27 -0.34 -10.87 -14.96
CA PHE A 27 0.58 -9.75 -15.15
C PHE A 27 -0.07 -8.60 -15.91
N ASN A 28 -0.73 -8.91 -17.03
CA ASN A 28 -1.22 -7.79 -17.84
C ASN A 28 -2.43 -7.09 -17.24
N GLU A 29 -2.96 -7.59 -16.12
CA GLU A 29 -4.02 -6.94 -15.37
C GLU A 29 -3.51 -5.67 -14.70
N PRO A 30 -4.38 -4.66 -14.51
CA PRO A 30 -3.89 -3.35 -14.06
C PRO A 30 -3.20 -3.39 -12.70
N VAL A 31 -2.13 -2.62 -12.59
CA VAL A 31 -1.32 -2.53 -11.39
C VAL A 31 -1.31 -1.08 -10.94
N THR A 32 -1.51 -0.86 -9.64
CA THR A 32 -1.55 0.47 -9.07
C THR A 32 -0.55 0.59 -7.94
N TRP A 33 0.15 1.72 -7.88
CA TRP A 33 1.13 1.99 -6.85
C TRP A 33 0.58 3.01 -5.85
N VAL A 34 0.82 2.76 -4.56
CA VAL A 34 0.44 3.67 -3.48
C VAL A 34 1.61 3.73 -2.53
N ARG A 35 1.71 4.83 -1.77
CA ARG A 35 2.76 4.91 -0.77
C ARG A 35 2.18 5.29 0.58
N GLN A 36 2.94 4.97 1.61
CA GLN A 36 2.57 5.20 2.99
C GLN A 36 3.77 5.84 3.67
N ALA A 37 3.70 7.15 3.89
CA ALA A 37 4.74 7.86 4.61
C ALA A 37 4.70 7.47 6.09
N PRO A 38 5.84 7.58 6.80
CA PRO A 38 5.89 7.12 8.20
C PRO A 38 4.76 7.67 9.07
N GLY A 39 3.97 6.77 9.64
CA GLY A 39 2.86 7.16 10.49
C GLY A 39 1.70 7.82 9.78
N GLN A 40 1.56 7.60 8.47
CA GLN A 40 0.51 8.24 7.68
C GLN A 40 -0.41 7.18 7.09
N GLY A 41 -1.44 7.65 6.40
CA GLY A 41 -2.33 6.81 5.62
C GLY A 41 -1.78 6.57 4.23
N LEU A 42 -2.68 6.16 3.35
CA LEU A 42 -2.23 5.75 2.02
C LEU A 42 -2.57 6.82 0.99
N GLU A 43 -1.73 6.86 -0.03
CA GLU A 43 -1.79 7.89 -1.07
C GLU A 43 -1.55 7.25 -2.44
N TRP A 44 -2.44 7.54 -3.38
CA TRP A 44 -2.29 7.04 -4.75
C TRP A 44 -1.10 7.69 -5.44
N ILE A 45 -0.24 6.88 -6.03
CA ILE A 45 0.85 7.38 -6.86
C ILE A 45 0.46 7.41 -8.33
N GLY A 46 0.02 6.26 -8.84
CA GLY A 46 -0.30 6.11 -10.24
C GLY A 46 -0.51 4.64 -10.56
N GLY A 47 -0.67 4.36 -11.85
CA GLY A 47 -0.90 2.97 -12.24
C GLY A 47 -0.57 2.75 -13.69
N ILE A 48 -0.71 1.49 -14.11
CA ILE A 48 -0.42 1.07 -15.47
C ILE A 48 -1.32 -0.11 -15.82
N ILE A 49 -1.68 -0.20 -17.10
CA ILE A 49 -2.32 -1.39 -17.65
C ILE A 49 -1.31 -2.07 -18.56
N PRO A 50 -0.59 -3.08 -18.07
CA PRO A 50 0.55 -3.62 -18.84
C PRO A 50 0.18 -4.13 -20.22
N ALA A 51 -1.04 -4.65 -20.40
CA ALA A 51 -1.46 -5.14 -21.71
C ALA A 51 -1.33 -4.06 -22.78
N PHE A 52 -1.51 -2.79 -22.41
CA PHE A 52 -1.45 -1.70 -23.37
C PHE A 52 -0.37 -0.68 -23.08
N GLY A 53 0.19 -0.65 -21.86
CA GLY A 53 1.23 0.29 -21.52
C GLY A 53 0.74 1.65 -21.07
N VAL A 54 -0.57 1.88 -21.02
CA VAL A 54 -1.10 3.18 -20.65
C VAL A 54 -0.85 3.42 -19.16
N THR A 55 -0.29 4.59 -18.83
CA THR A 55 0.00 4.96 -17.46
C THR A 55 -0.79 6.20 -17.06
N LYS A 56 -1.03 6.31 -15.75
CA LYS A 56 -1.68 7.46 -15.15
C LYS A 56 -0.92 7.79 -13.88
N TYR A 57 -0.85 9.08 -13.55
CA TYR A 57 -0.10 9.53 -12.38
C TYR A 57 -0.93 10.55 -11.63
N ALA A 58 -0.85 10.51 -10.30
CA ALA A 58 -1.41 11.58 -9.50
C ALA A 58 -0.63 12.87 -9.77
N GLN A 59 -1.33 14.01 -9.67
CA GLN A 59 -0.69 15.29 -9.97
C GLN A 59 0.53 15.53 -9.10
N LYS A 60 0.52 15.04 -7.85
CA LYS A 60 1.69 15.36 -7.04
C LYS A 60 2.93 14.62 -7.50
N PHE A 61 2.83 13.57 -8.33
CA PHE A 61 4.01 12.86 -8.81
C PHE A 61 4.27 13.03 -10.30
N GLN A 62 3.36 13.68 -11.04
CA GLN A 62 3.53 13.87 -12.47
C GLN A 62 4.87 14.53 -12.78
N GLY A 63 5.56 14.00 -13.79
CA GLY A 63 6.87 14.50 -14.17
C GLY A 63 8.01 14.03 -13.28
N ARG A 64 7.71 13.35 -12.18
CA ARG A 64 8.69 12.94 -11.18
C ARG A 64 8.74 11.43 -10.99
N VAL A 65 7.80 10.69 -11.57
CA VAL A 65 7.78 9.24 -11.48
C VAL A 65 7.51 8.66 -12.86
N ILE A 66 7.92 7.41 -13.04
CA ILE A 66 7.59 6.64 -14.24
C ILE A 66 7.22 5.24 -13.81
N ILE A 67 6.08 4.75 -14.28
CA ILE A 67 5.64 3.39 -14.04
C ILE A 67 5.74 2.62 -15.35
N SER A 68 6.28 1.40 -15.29
CA SER A 68 6.47 0.57 -16.47
C SER A 68 6.19 -0.87 -16.10
N ALA A 69 6.20 -1.74 -17.12
CA ALA A 69 5.97 -3.15 -16.90
C ALA A 69 6.78 -3.95 -17.91
N ASP A 70 7.21 -5.13 -17.47
CA ASP A 70 8.09 -6.02 -18.24
C ASP A 70 7.35 -7.35 -18.42
N ALA A 71 6.89 -7.61 -19.65
CA ALA A 71 6.04 -8.78 -19.88
C ALA A 71 6.82 -10.08 -19.79
N SER A 72 8.11 -10.07 -20.07
CA SER A 72 8.88 -11.32 -20.03
C SER A 72 8.97 -11.85 -18.60
N THR A 73 9.17 -10.95 -17.64
CA THR A 73 9.35 -11.35 -16.21
C THR A 73 8.08 -11.12 -15.38
N ALA A 74 6.96 -10.78 -16.00
CA ALA A 74 5.71 -10.52 -15.28
C ALA A 74 5.94 -9.55 -14.11
N THR A 75 6.66 -8.46 -14.40
CA THR A 75 7.07 -7.53 -13.36
C THR A 75 6.66 -6.11 -13.73
N ALA A 76 6.15 -5.37 -12.74
CA ALA A 76 5.84 -3.96 -12.87
C ALA A 76 6.84 -3.16 -12.04
N TYR A 77 7.09 -1.91 -12.48
CA TYR A 77 8.14 -1.09 -11.91
C TYR A 77 7.63 0.30 -11.57
N LEU A 78 8.19 0.88 -10.51
CA LEU A 78 7.95 2.27 -10.14
C LEU A 78 9.29 2.96 -10.01
N GLU A 79 9.53 3.98 -10.83
CA GLU A 79 10.76 4.76 -10.78
C GLU A 79 10.44 6.16 -10.30
N LEU A 80 11.09 6.59 -9.21
CA LEU A 80 10.94 7.94 -8.68
C LEU A 80 12.25 8.69 -8.87
N SER A 81 12.18 9.90 -9.41
CA SER A 81 13.37 10.67 -9.71
C SER A 81 13.43 11.91 -8.83
N SER A 82 14.62 12.51 -8.79
CA SER A 82 14.77 13.79 -8.08
C SER A 82 14.45 13.64 -6.59
N LEU A 83 14.92 12.57 -5.95
CA LEU A 83 14.39 12.19 -4.64
C LEU A 83 14.71 13.23 -3.57
N ARG A 84 13.77 13.40 -2.66
CA ARG A 84 13.94 14.21 -1.46
C ARG A 84 13.58 13.40 -0.23
N SER A 85 13.97 13.91 0.95
CA SER A 85 13.66 13.23 2.20
C SER A 85 12.15 13.02 2.37
N GLU A 86 11.35 13.90 1.79
CA GLU A 86 9.88 13.77 1.85
C GLU A 86 9.44 12.47 1.16
N ASP A 87 10.27 11.88 0.28
CA ASP A 87 9.90 10.65 -0.40
C ASP A 87 10.17 9.41 0.43
N THR A 88 10.67 9.55 1.67
CA THR A 88 10.86 8.38 2.52
C THR A 88 9.51 7.79 2.87
N ALA A 89 9.28 6.53 2.48
CA ALA A 89 7.98 5.90 2.67
C ALA A 89 8.08 4.41 2.33
N VAL A 90 7.03 3.68 2.69
CA VAL A 90 6.82 2.33 2.18
C VAL A 90 5.98 2.45 0.93
N TYR A 91 6.43 1.82 -0.15
CA TYR A 91 5.77 1.88 -1.45
C TYR A 91 5.13 0.52 -1.71
N TYR A 92 3.82 0.52 -1.98
CA TYR A 92 3.05 -0.69 -2.20
C TYR A 92 2.61 -0.78 -3.66
N CYS A 93 2.64 -2.00 -4.18
CA CYS A 93 2.09 -2.42 -5.47
C CYS A 93 0.80 -3.20 -5.19
N ALA A 94 -0.23 -3.03 -6.03
CA ALA A 94 -1.45 -3.81 -5.83
C ALA A 94 -2.20 -3.93 -7.16
N LYS A 95 -2.92 -5.04 -7.32
CA LYS A 95 -3.68 -5.30 -8.53
C LYS A 95 -5.06 -4.66 -8.43
N VAL A 96 -5.52 -4.08 -9.54
CA VAL A 96 -6.87 -3.54 -9.64
C VAL A 96 -7.82 -4.69 -9.96
N GLY A 97 -8.85 -4.85 -9.14
CA GLY A 97 -9.80 -5.93 -9.37
C GLY A 97 -10.49 -5.79 -10.72
N LEU A 98 -10.69 -6.94 -11.38
CA LEU A 98 -11.25 -6.96 -12.73
C LEU A 98 -12.76 -6.94 -12.75
N ARG A 99 -13.42 -7.69 -11.86
CA ARG A 99 -14.87 -7.69 -11.82
C ARG A 99 -15.38 -6.37 -11.26
N GLY A 100 -16.24 -5.68 -12.01
CA GLY A 100 -16.72 -4.38 -11.61
C GLY A 100 -15.73 -3.25 -11.85
N ILE A 101 -14.67 -3.50 -12.61
CA ILE A 101 -13.67 -2.48 -12.87
C ILE A 101 -14.28 -1.32 -13.67
N VAL A 102 -13.73 -0.13 -13.48
CA VAL A 102 -14.08 1.03 -14.27
C VAL A 102 -12.80 1.59 -14.87
N MET A 103 -12.80 1.79 -16.18
CA MET A 103 -11.68 2.37 -16.89
C MET A 103 -12.18 3.56 -17.70
N VAL A 104 -11.51 4.69 -17.54
CA VAL A 104 -11.79 5.91 -18.29
C VAL A 104 -10.47 6.38 -18.88
N GLY A 105 -10.38 6.35 -20.21
CA GLY A 105 -9.14 6.73 -20.86
C GLY A 105 -7.94 5.94 -20.42
N GLY A 106 -8.13 4.67 -20.06
CA GLY A 106 -7.03 3.85 -19.61
C GLY A 106 -6.68 3.99 -18.14
N LEU A 107 -7.46 4.76 -17.37
CA LEU A 107 -7.28 4.84 -15.92
C LEU A 107 -8.20 3.81 -15.28
N ALA A 108 -7.60 2.80 -14.65
CA ALA A 108 -8.35 1.68 -14.08
C ALA A 108 -8.52 1.87 -12.57
N MET A 109 -9.76 1.82 -12.11
CA MET A 109 -10.05 1.90 -10.68
C MET A 109 -11.04 0.83 -10.27
N ASN A 110 -10.80 0.25 -9.10
CA ASN A 110 -11.63 -0.75 -8.46
C ASN A 110 -11.03 -0.97 -7.08
N TRP A 111 -11.55 -1.94 -6.33
CA TRP A 111 -10.86 -2.35 -5.13
C TRP A 111 -9.48 -2.90 -5.49
N LEU A 112 -8.60 -2.96 -4.50
CA LEU A 112 -7.20 -3.34 -4.72
C LEU A 112 -6.92 -4.63 -3.97
N ASP A 113 -6.47 -5.65 -4.71
CA ASP A 113 -6.16 -6.98 -4.18
C ASP A 113 -5.69 -7.87 -5.33
N PRO A 114 -4.59 -8.62 -5.17
CA PRO A 114 -3.75 -8.65 -3.97
C PRO A 114 -2.79 -7.48 -3.86
N TRP A 115 -1.99 -7.48 -2.79
CA TRP A 115 -1.02 -6.45 -2.49
C TRP A 115 0.37 -7.04 -2.43
N GLY A 116 1.37 -6.25 -2.82
CA GLY A 116 2.74 -6.59 -2.51
C GLY A 116 3.01 -6.36 -1.03
N GLN A 117 4.16 -6.85 -0.57
CA GLN A 117 4.49 -6.72 0.84
C GLN A 117 5.05 -5.34 1.19
N GLY A 118 5.24 -4.48 0.21
CA GLY A 118 5.75 -3.15 0.46
C GLY A 118 7.24 -3.08 0.30
N THR A 119 7.73 -1.90 -0.10
CA THR A 119 9.16 -1.66 -0.28
C THR A 119 9.51 -0.38 0.45
N GLN A 120 10.43 -0.48 1.40
CA GLN A 120 10.88 0.69 2.15
C GLN A 120 11.92 1.46 1.35
N VAL A 121 11.68 2.76 1.15
CA VAL A 121 12.64 3.65 0.50
C VAL A 121 12.99 4.74 1.48
N THR A 122 14.27 4.83 1.83
CA THR A 122 14.75 5.88 2.72
C THR A 122 15.60 6.84 1.90
N VAL A 123 15.30 8.13 2.01
CA VAL A 123 16.02 9.18 1.30
C VAL A 123 16.60 10.12 2.34
N SER A 124 17.93 10.25 2.34
CA SER A 124 18.66 10.92 3.41
C SER A 124 20.00 11.37 2.87
N SER A 125 20.52 12.50 3.34
CA SER A 125 21.90 12.95 3.22
C SER A 125 22.87 12.07 4.00
N ALA A 126 22.34 11.37 5.00
CA ALA A 126 23.18 10.55 5.87
C ALA A 126 23.75 9.37 5.09
N SER A 127 24.88 8.87 5.58
CA SER A 127 25.59 7.72 5.02
C SER A 127 25.37 6.49 5.90
N THR A 128 25.44 5.32 5.26
CA THR A 128 25.21 4.07 5.98
C THR A 128 26.22 3.90 7.12
N LYS A 129 25.72 3.59 8.31
CA LYS A 129 26.54 3.55 9.51
C LYS A 129 25.98 2.55 10.49
N GLY A 130 26.87 1.76 11.09
CA GLY A 130 26.49 0.78 12.08
C GLY A 130 26.23 1.41 13.43
N PRO A 131 25.39 0.76 14.24
CA PRO A 131 25.06 1.32 15.55
C PRO A 131 26.19 1.15 16.55
N SER A 132 26.22 2.06 17.51
CA SER A 132 26.93 1.84 18.76
C SER A 132 25.93 1.30 19.77
N VAL A 133 26.38 0.35 20.59
CA VAL A 133 25.49 -0.33 21.54
C VAL A 133 26.01 -0.12 22.95
N PHE A 134 25.15 0.41 23.82
CA PHE A 134 25.53 0.75 25.18
C PHE A 134 24.61 0.06 26.16
N PRO A 135 25.12 -0.34 27.32
CA PRO A 135 24.26 -1.03 28.29
C PRO A 135 23.36 -0.04 29.03
N LEU A 136 22.13 -0.50 29.30
CA LEU A 136 21.23 0.16 30.24
C LEU A 136 21.29 -0.71 31.50
N ALA A 137 22.17 -0.34 32.43
CA ALA A 137 22.49 -1.22 33.53
C ALA A 137 21.33 -1.27 34.52
N PRO A 138 21.05 -2.44 35.10
CA PRO A 138 20.06 -2.52 36.17
C PRO A 138 20.59 -1.95 37.47
N SER A 139 19.67 -1.53 38.33
CA SER A 139 19.89 -0.92 39.64
C SER A 139 19.37 -1.82 40.75
N THR A 147 11.20 -7.46 40.69
CA THR A 147 11.85 -7.57 39.39
C THR A 147 12.60 -6.30 39.02
N ALA A 148 13.68 -6.47 38.27
CA ALA A 148 14.51 -5.37 37.79
C ALA A 148 14.39 -5.25 36.27
N ALA A 149 14.84 -4.12 35.74
CA ALA A 149 14.80 -3.87 34.31
C ALA A 149 16.22 -3.58 33.82
N LEU A 150 16.51 -4.02 32.61
CA LEU A 150 17.81 -3.74 31.99
C LEU A 150 17.60 -3.70 30.48
N GLY A 151 18.63 -3.25 29.77
CA GLY A 151 18.45 -3.12 28.34
C GLY A 151 19.71 -2.74 27.63
N CYS A 152 19.55 -2.47 26.34
CA CYS A 152 20.63 -2.00 25.47
C CYS A 152 20.12 -0.79 24.70
N LEU A 153 20.90 0.28 24.72
CA LEU A 153 20.64 1.45 23.88
C LEU A 153 21.37 1.25 22.57
N VAL A 154 20.64 1.33 21.46
CA VAL A 154 21.17 1.10 20.12
C VAL A 154 21.12 2.43 19.39
N LYS A 155 22.25 3.14 19.33
CA LYS A 155 22.26 4.55 18.97
C LYS A 155 23.08 4.80 17.71
N ASP A 156 22.59 5.75 16.90
CA ASP A 156 23.38 6.38 15.84
C ASP A 156 23.66 5.42 14.68
N TYR A 157 22.62 4.79 14.18
CA TYR A 157 22.76 3.92 13.01
C TYR A 157 21.92 4.44 11.86
N PHE A 158 22.32 4.05 10.65
CA PHE A 158 21.59 4.44 9.45
C PHE A 158 21.93 3.42 8.36
N PRO A 159 20.94 2.97 7.59
CA PRO A 159 19.53 3.28 7.79
C PRO A 159 18.85 2.24 8.67
N GLU A 160 17.53 2.28 8.75
CA GLU A 160 16.77 1.19 9.33
C GLU A 160 16.88 -0.03 8.42
N PRO A 161 16.67 -1.25 8.96
CA PRO A 161 16.36 -1.57 10.36
C PRO A 161 17.52 -2.22 11.13
N VAL A 162 17.32 -2.31 12.45
CA VAL A 162 18.16 -3.10 13.33
C VAL A 162 17.26 -4.17 13.96
N THR A 163 17.79 -5.37 14.12
CA THR A 163 17.13 -6.42 14.89
C THR A 163 17.85 -6.60 16.21
N VAL A 164 17.09 -6.85 17.27
CA VAL A 164 17.65 -7.05 18.61
C VAL A 164 17.08 -8.34 19.18
N SER A 165 17.97 -9.20 19.67
CA SER A 165 17.65 -10.41 20.41
C SER A 165 18.39 -10.38 21.73
N TRP A 166 17.93 -11.18 22.69
CA TRP A 166 18.58 -11.34 23.98
C TRP A 166 19.00 -12.79 24.16
N ASN A 167 20.26 -13.00 24.53
CA ASN A 167 20.83 -14.34 24.71
C ASN A 167 20.56 -15.22 23.51
N SER A 168 20.79 -14.66 22.32
CA SER A 168 20.62 -15.31 21.02
C SER A 168 19.23 -15.93 20.85
N GLY A 169 18.22 -15.23 21.36
CA GLY A 169 16.85 -15.66 21.20
C GLY A 169 16.32 -16.55 22.30
N ALA A 170 17.15 -16.94 23.26
CA ALA A 170 16.68 -17.74 24.39
C ALA A 170 15.77 -16.93 25.32
N LEU A 171 15.99 -15.61 25.41
CA LEU A 171 15.22 -14.75 26.30
C LEU A 171 14.29 -13.89 25.45
N THR A 172 13.00 -14.18 25.50
CA THR A 172 11.99 -13.40 24.80
C THR A 172 10.87 -12.89 25.71
N SER A 173 10.67 -13.50 26.86
CA SER A 173 9.56 -13.01 27.67
C SER A 173 9.96 -11.74 28.41
N GLY A 174 9.03 -10.79 28.35
CA GLY A 174 9.24 -9.49 28.94
C GLY A 174 10.09 -8.52 28.15
N VAL A 175 10.55 -8.91 26.96
CA VAL A 175 11.36 -8.02 26.14
C VAL A 175 10.48 -6.95 25.50
N HIS A 176 10.97 -5.72 25.47
CA HIS A 176 10.33 -4.63 24.73
C HIS A 176 11.42 -3.93 23.92
N THR A 177 11.36 -4.09 22.60
CA THR A 177 12.26 -3.39 21.69
C THR A 177 11.46 -2.28 21.03
N PHE A 178 11.80 -1.03 21.35
CA PHE A 178 10.98 0.09 20.93
C PHE A 178 11.20 0.41 19.45
N PRO A 179 10.20 1.00 18.80
CA PRO A 179 10.41 1.51 17.45
C PRO A 179 11.51 2.54 17.44
N ALA A 180 12.24 2.61 16.34
CA ALA A 180 13.35 3.54 16.23
C ALA A 180 12.85 4.98 16.12
N VAL A 181 13.68 5.90 16.59
CA VAL A 181 13.40 7.31 16.43
C VAL A 181 14.52 7.94 15.62
N LEU A 182 14.13 8.82 14.70
CA LEU A 182 15.08 9.56 13.88
C LEU A 182 15.54 10.80 14.63
N GLN A 183 16.83 10.89 14.89
CA GLN A 183 17.39 12.03 15.61
C GLN A 183 17.70 13.16 14.63
N SER A 184 17.91 14.36 15.18
CA SER A 184 18.23 15.52 14.35
C SER A 184 19.56 15.36 13.62
N SER A 185 20.41 14.45 14.07
CA SER A 185 21.63 14.12 13.34
C SER A 185 21.34 13.48 12.00
N GLY A 186 20.12 12.97 11.80
CA GLY A 186 19.83 12.12 10.67
C GLY A 186 20.06 10.64 10.94
N LEU A 187 20.54 10.29 12.12
CA LEU A 187 20.78 8.90 12.50
C LEU A 187 19.65 8.41 13.40
N TYR A 188 19.41 7.10 13.33
CA TYR A 188 18.34 6.47 14.09
C TYR A 188 18.84 5.97 15.44
N SER A 189 17.89 5.79 16.36
CA SER A 189 18.20 5.34 17.71
C SER A 189 17.00 4.59 18.28
N LEU A 190 17.28 3.50 19.01
CA LEU A 190 16.23 2.77 19.72
C LEU A 190 16.82 2.13 20.96
N SER A 191 15.93 1.69 21.85
CA SER A 191 16.32 0.87 22.97
C SER A 191 15.53 -0.43 22.96
N SER A 192 16.14 -1.45 23.58
CA SER A 192 15.42 -2.67 23.88
C SER A 192 15.70 -3.02 25.33
N VAL A 193 14.61 -3.32 26.04
CA VAL A 193 14.68 -3.58 27.47
C VAL A 193 14.02 -4.92 27.77
N VAL A 194 14.37 -5.48 28.92
CA VAL A 194 13.74 -6.69 29.43
C VAL A 194 13.68 -6.58 30.95
N THR A 195 12.58 -7.06 31.54
CA THR A 195 12.47 -7.17 32.98
C THR A 195 12.82 -8.59 33.42
N VAL A 196 13.61 -8.69 34.49
CA VAL A 196 14.28 -9.89 34.97
C VAL A 196 14.06 -9.99 36.47
N PRO A 197 14.16 -11.18 37.07
CA PRO A 197 14.20 -11.26 38.54
C PRO A 197 15.43 -10.56 39.10
N SER A 198 15.23 -9.80 40.17
CA SER A 198 16.29 -9.09 40.88
C SER A 198 17.34 -10.04 41.43
N SER A 199 16.88 -11.19 41.92
CA SER A 199 17.64 -12.22 42.62
C SER A 199 18.80 -12.76 41.80
N SER A 200 18.63 -12.79 40.48
CA SER A 200 19.44 -13.43 39.46
C SER A 200 20.55 -12.52 38.92
N LEU A 201 20.55 -11.25 39.29
CA LEU A 201 21.39 -10.28 38.58
C LEU A 201 22.87 -10.57 38.76
N GLY A 202 23.26 -11.15 39.88
CA GLY A 202 24.66 -11.47 40.10
C GLY A 202 25.13 -12.77 39.49
N THR A 203 24.20 -13.62 39.05
CA THR A 203 24.53 -14.94 38.51
C THR A 203 24.10 -15.11 37.07
N GLN A 204 22.92 -14.63 36.69
CA GLN A 204 22.44 -14.79 35.34
C GLN A 204 23.13 -13.80 34.40
N THR A 205 23.36 -14.25 33.17
CA THR A 205 24.07 -13.43 32.19
C THR A 205 23.10 -12.99 31.10
N TYR A 206 23.18 -11.71 30.76
CA TYR A 206 22.26 -11.08 29.81
C TYR A 206 23.07 -10.40 28.72
N ILE A 207 22.90 -10.86 27.48
CA ILE A 207 23.60 -10.37 26.31
C ILE A 207 22.57 -9.92 25.28
N CYS A 208 22.80 -8.72 24.75
CA CYS A 208 21.91 -8.22 23.69
C CYS A 208 22.64 -8.39 22.36
N ASN A 209 21.95 -8.97 21.38
CA ASN A 209 22.55 -9.21 20.08
C ASN A 209 21.92 -8.22 19.10
N VAL A 210 22.75 -7.36 18.54
CA VAL A 210 22.30 -6.31 17.64
C VAL A 210 22.84 -6.60 16.25
N ASN A 211 21.95 -6.65 15.27
CA ASN A 211 22.37 -6.88 13.89
C ASN A 211 21.83 -5.75 13.03
N HIS A 212 22.75 -5.16 12.26
CA HIS A 212 22.43 -4.08 11.32
C HIS A 212 22.92 -4.55 9.95
N LYS A 213 22.01 -5.15 9.19
CA LYS A 213 22.42 -5.70 7.89
C LYS A 213 22.83 -4.64 6.86
N PRO A 214 22.31 -3.41 6.82
CA PRO A 214 22.81 -2.44 5.83
C PRO A 214 24.30 -2.16 5.95
N SER A 215 24.87 -2.25 7.15
CA SER A 215 26.30 -2.07 7.33
C SER A 215 27.02 -3.37 7.63
N ASN A 216 26.31 -4.50 7.59
CA ASN A 216 26.98 -5.77 7.88
C ASN A 216 27.59 -5.77 9.27
N THR A 217 26.92 -5.21 10.28
CA THR A 217 27.53 -5.15 11.60
C THR A 217 26.79 -6.08 12.55
N LYS A 218 27.58 -6.72 13.42
CA LYS A 218 26.89 -7.38 14.52
C LYS A 218 27.72 -7.15 15.77
N VAL A 219 26.90 -6.73 16.73
CA VAL A 219 27.37 -6.30 18.04
C VAL A 219 26.66 -7.12 19.09
N ASP A 220 27.43 -7.68 20.01
CA ASP A 220 26.95 -8.39 21.19
C ASP A 220 27.46 -7.65 22.41
N LYS A 221 26.56 -7.22 23.30
CA LYS A 221 26.93 -6.43 24.47
C LYS A 221 26.40 -7.12 25.73
N LYS A 222 27.30 -7.41 26.66
CA LYS A 222 26.94 -7.95 27.97
C LYS A 222 26.46 -6.83 28.88
N VAL A 223 25.28 -6.99 29.49
CA VAL A 223 24.70 -5.96 30.35
C VAL A 223 24.76 -6.46 31.79
N GLU A 224 25.47 -5.72 32.63
CA GLU A 224 25.73 -6.09 34.02
C GLU A 224 25.61 -4.84 34.88
N PRO A 225 25.42 -5.00 36.19
CA PRO A 225 25.34 -3.83 37.07
C PRO A 225 26.63 -3.02 37.04
N LYS A 226 26.49 -1.72 37.29
CA LYS A 226 27.56 -0.74 37.41
C LYS A 226 28.37 -0.98 38.67
N GLU B 1 -10.86 17.06 -5.26
CA GLU B 1 -10.40 15.82 -4.64
C GLU B 1 -11.30 15.45 -3.47
N ILE B 2 -11.76 14.19 -3.44
CA ILE B 2 -12.70 13.75 -2.43
C ILE B 2 -11.92 13.38 -1.16
N GLU B 3 -12.13 14.15 -0.09
CA GLU B 3 -11.53 13.85 1.19
C GLU B 3 -12.40 12.86 1.95
N LEU B 4 -11.75 11.90 2.61
CA LEU B 4 -12.42 10.89 3.41
C LEU B 4 -12.02 11.10 4.86
N THR B 5 -13.01 11.34 5.71
CA THR B 5 -12.77 11.59 7.12
C THR B 5 -13.30 10.42 7.93
N GLN B 6 -12.40 9.76 8.66
CA GLN B 6 -12.74 8.62 9.49
C GLN B 6 -12.82 9.05 10.95
N SER B 7 -13.80 8.49 11.67
CA SER B 7 -13.97 8.73 13.09
C SER B 7 -14.40 7.44 13.77
N PRO B 8 -13.94 7.17 14.99
CA PRO B 8 -12.99 8.02 15.71
C PRO B 8 -11.57 7.82 15.19
N GLY B 9 -10.62 8.58 15.72
CA GLY B 9 -9.23 8.27 15.43
C GLY B 9 -8.81 6.95 16.05
N THR B 10 -9.19 6.74 17.32
CA THR B 10 -8.89 5.51 18.04
C THR B 10 -10.16 5.01 18.71
N LEU B 11 -10.41 3.71 18.56
CA LEU B 11 -11.55 3.04 19.16
C LEU B 11 -11.02 2.01 20.15
N SER B 12 -11.42 2.13 21.41
CA SER B 12 -10.99 1.22 22.47
C SER B 12 -12.18 0.37 22.89
N LEU B 13 -12.07 -0.95 22.66
CA LEU B 13 -13.18 -1.85 22.90
C LEU B 13 -12.63 -3.18 23.38
N SER B 14 -13.43 -3.90 24.17
CA SER B 14 -12.95 -5.19 24.63
C SER B 14 -13.21 -6.24 23.56
N PRO B 15 -12.40 -7.29 23.55
CA PRO B 15 -12.69 -8.43 22.67
C PRO B 15 -14.11 -8.91 22.91
N GLY B 16 -14.81 -9.23 21.82
CA GLY B 16 -16.19 -9.62 21.90
C GLY B 16 -17.20 -8.51 21.74
N GLU B 17 -16.75 -7.25 21.77
CA GLU B 17 -17.67 -6.13 21.59
C GLU B 17 -17.85 -5.82 20.10
N ARG B 18 -18.96 -5.15 19.79
CA ARG B 18 -19.22 -4.69 18.44
C ARG B 18 -18.47 -3.38 18.19
N ALA B 19 -17.84 -3.27 17.02
CA ALA B 19 -17.16 -2.05 16.61
C ALA B 19 -17.88 -1.45 15.41
N THR B 20 -18.07 -0.13 15.45
CA THR B 20 -18.67 0.66 14.38
C THR B 20 -17.68 1.73 13.97
N LEU B 21 -17.16 1.72 12.73
CA LEU B 21 -16.27 2.75 12.24
C LEU B 21 -16.99 3.58 11.19
N SER B 22 -16.73 4.88 11.19
CA SER B 22 -17.40 5.70 10.20
C SER B 22 -16.39 6.33 9.27
N CYS B 23 -16.85 6.54 8.05
CA CYS B 23 -16.03 7.22 7.04
C CYS B 23 -16.94 8.20 6.31
N ARG B 24 -16.61 9.47 6.46
CA ARG B 24 -17.37 10.60 5.86
C ARG B 24 -16.61 11.14 4.65
N ALA B 25 -17.30 11.15 3.50
CA ALA B 25 -16.76 11.67 2.26
C ALA B 25 -17.14 13.14 2.10
N SER B 26 -16.20 13.95 1.61
CA SER B 26 -16.46 15.36 1.40
C SER B 26 -17.54 15.56 0.33
N GLN B 27 -17.53 14.70 -0.70
CA GLN B 27 -18.65 14.72 -1.62
C GLN B 27 -19.27 13.33 -1.69
N SER B 28 -20.50 13.31 -2.21
CA SER B 28 -21.23 12.08 -2.38
C SER B 28 -20.46 11.13 -3.31
N VAL B 29 -20.32 9.87 -2.90
CA VAL B 29 -19.68 8.78 -3.61
C VAL B 29 -20.70 7.70 -3.90
N SER B 30 -20.72 7.11 -5.09
CA SER B 30 -21.62 5.99 -5.27
C SER B 30 -21.13 4.79 -4.45
N SER B 31 -22.11 4.12 -3.85
CA SER B 31 -21.79 3.00 -2.99
C SER B 31 -21.07 1.88 -3.75
N SER B 32 -21.12 1.90 -5.08
CA SER B 32 -20.35 0.94 -5.86
C SER B 32 -18.85 1.11 -5.66
N TYR B 33 -18.39 2.28 -5.21
CA TYR B 33 -16.98 2.64 -5.29
C TYR B 33 -16.37 2.98 -3.93
N LEU B 34 -16.80 2.29 -2.87
CA LEU B 34 -16.20 2.48 -1.56
C LEU B 34 -15.75 1.14 -1.01
N ALA B 35 -14.53 1.09 -0.50
CA ALA B 35 -13.93 -0.12 0.03
C ALA B 35 -13.33 0.14 1.41
N TRP B 36 -13.20 -0.93 2.19
CA TRP B 36 -12.54 -0.87 3.49
C TRP B 36 -11.34 -1.82 3.50
N TYR B 37 -10.28 -1.40 4.17
CA TYR B 37 -9.06 -2.20 4.29
C TYR B 37 -8.63 -2.29 5.74
N GLN B 38 -7.94 -3.38 6.06
CA GLN B 38 -7.36 -3.60 7.37
C GLN B 38 -5.85 -3.64 7.23
N GLN B 39 -5.15 -3.03 8.18
CA GLN B 39 -3.70 -3.06 8.16
C GLN B 39 -3.19 -3.27 9.58
N LYS B 40 -2.25 -4.19 9.71
CA LYS B 40 -1.53 -4.46 10.92
C LYS B 40 -0.09 -4.00 10.76
N PRO B 41 0.60 -3.66 11.85
CA PRO B 41 1.95 -3.09 11.74
C PRO B 41 2.90 -3.96 10.92
N GLY B 42 3.63 -3.31 10.02
CA GLY B 42 4.58 -3.98 9.15
C GLY B 42 3.98 -4.78 8.01
N GLN B 43 2.67 -4.73 7.82
CA GLN B 43 2.00 -5.53 6.80
C GLN B 43 1.29 -4.63 5.79
N ALA B 44 1.06 -5.18 4.61
CA ALA B 44 0.29 -4.49 3.60
C ALA B 44 -1.19 -4.43 4.00
N PRO B 45 -1.92 -3.43 3.49
CA PRO B 45 -3.37 -3.43 3.69
C PRO B 45 -3.99 -4.69 3.10
N ARG B 46 -5.15 -5.06 3.66
CA ARG B 46 -5.87 -6.26 3.26
C ARG B 46 -7.32 -5.88 3.01
N LEU B 47 -7.80 -6.12 1.80
CA LEU B 47 -9.17 -5.73 1.46
C LEU B 47 -10.18 -6.51 2.30
N LEU B 48 -11.17 -5.77 2.83
CA LEU B 48 -12.24 -6.35 3.64
C LEU B 48 -13.59 -6.23 2.97
N ILE B 49 -13.97 -5.03 2.58
CA ILE B 49 -15.27 -4.72 2.00
C ILE B 49 -15.02 -3.96 0.70
N TYR B 50 -15.86 -4.21 -0.30
CA TYR B 50 -15.85 -3.40 -1.52
C TYR B 50 -17.29 -3.15 -1.91
N GLY B 51 -17.50 -2.15 -2.76
CA GLY B 51 -18.85 -1.78 -3.11
C GLY B 51 -19.70 -1.45 -1.90
N ALA B 52 -19.09 -0.83 -0.88
CA ALA B 52 -19.73 -0.38 0.35
C ALA B 52 -20.15 -1.52 1.27
N SER B 53 -20.62 -2.64 0.71
CA SER B 53 -21.27 -3.66 1.53
C SER B 53 -20.96 -5.10 1.13
N SER B 54 -20.13 -5.34 0.12
CA SER B 54 -19.76 -6.69 -0.30
C SER B 54 -18.49 -7.12 0.42
N ARG B 55 -18.49 -8.34 0.97
CA ARG B 55 -17.31 -8.86 1.64
C ARG B 55 -16.35 -9.45 0.63
N ALA B 56 -15.07 -9.09 0.75
CA ALA B 56 -14.06 -9.71 -0.08
C ALA B 56 -13.97 -11.20 0.23
N THR B 57 -13.42 -11.95 -0.71
CA THR B 57 -13.19 -13.38 -0.62
C THR B 57 -12.41 -13.70 0.65
N GLY B 58 -12.83 -14.66 1.48
CA GLY B 58 -12.08 -15.04 2.66
C GLY B 58 -12.32 -14.20 3.90
N ILE B 59 -13.14 -13.18 3.81
CA ILE B 59 -13.37 -12.26 4.93
C ILE B 59 -14.52 -12.77 5.81
N PRO B 60 -14.32 -12.93 7.10
CA PRO B 60 -15.34 -13.56 7.95
C PRO B 60 -16.67 -12.78 8.00
N ASP B 61 -17.72 -13.52 8.38
CA ASP B 61 -19.08 -12.99 8.41
C ASP B 61 -19.22 -11.77 9.31
N ARG B 62 -18.39 -11.63 10.34
CA ARG B 62 -18.59 -10.56 11.30
C ARG B 62 -18.24 -9.18 10.75
N PHE B 63 -17.55 -9.11 9.62
CA PHE B 63 -17.29 -7.84 8.97
C PHE B 63 -18.45 -7.52 8.03
N SER B 64 -19.03 -6.33 8.18
CA SER B 64 -20.04 -5.89 7.23
C SER B 64 -19.87 -4.40 6.99
N GLY B 65 -20.35 -3.97 5.84
CA GLY B 65 -20.29 -2.57 5.47
C GLY B 65 -21.66 -2.08 5.08
N SER B 66 -21.85 -0.77 5.25
CA SER B 66 -23.11 -0.14 4.87
C SER B 66 -22.81 1.34 4.65
N GLY B 67 -23.83 2.05 4.18
CA GLY B 67 -23.73 3.48 3.96
C GLY B 67 -24.08 3.84 2.53
N SER B 68 -24.13 5.14 2.30
CA SER B 68 -24.59 5.70 1.03
C SER B 68 -24.31 7.19 1.05
N GLY B 69 -24.02 7.73 -0.14
CA GLY B 69 -23.77 9.14 -0.27
C GLY B 69 -22.45 9.58 0.33
N THR B 70 -22.51 10.25 1.48
CA THR B 70 -21.32 10.82 2.11
C THR B 70 -20.94 10.12 3.41
N ASP B 71 -21.72 9.15 3.87
CA ASP B 71 -21.46 8.51 5.15
C ASP B 71 -21.53 7.00 5.01
N PHE B 72 -20.40 6.36 5.31
CA PHE B 72 -20.26 4.92 5.21
C PHE B 72 -19.79 4.38 6.55
N THR B 73 -20.18 3.14 6.84
CA THR B 73 -19.82 2.55 8.12
C THR B 73 -19.34 1.13 7.93
N LEU B 74 -18.29 0.80 8.66
CA LEU B 74 -17.79 -0.55 8.79
C LEU B 74 -18.17 -1.06 10.17
N THR B 75 -18.76 -2.25 10.22
CA THR B 75 -19.20 -2.85 11.48
C THR B 75 -18.52 -4.20 11.67
N ILE B 76 -17.95 -4.40 12.84
CA ILE B 76 -17.42 -5.68 13.27
C ILE B 76 -18.32 -6.15 14.41
N SER B 77 -19.14 -7.16 14.14
CA SER B 77 -20.22 -7.49 15.06
C SER B 77 -19.70 -8.04 16.39
N ARG B 78 -18.54 -8.67 16.39
CA ARG B 78 -17.99 -9.25 17.62
C ARG B 78 -16.47 -9.31 17.43
N LEU B 79 -15.76 -8.42 18.10
CA LEU B 79 -14.31 -8.30 17.92
C LEU B 79 -13.59 -9.56 18.38
N GLU B 80 -12.87 -10.21 17.47
CA GLU B 80 -11.91 -11.23 17.82
C GLU B 80 -10.55 -10.60 18.11
N PRO B 81 -9.66 -11.31 18.80
CA PRO B 81 -8.31 -10.75 19.03
C PRO B 81 -7.59 -10.33 17.75
N GLU B 82 -7.73 -11.08 16.66
CA GLU B 82 -7.03 -10.73 15.43
C GLU B 82 -7.64 -9.54 14.72
N ASP B 83 -8.73 -8.96 15.24
CA ASP B 83 -9.39 -7.84 14.60
C ASP B 83 -8.87 -6.47 15.03
N PHE B 84 -8.00 -6.41 16.03
CA PHE B 84 -7.52 -5.12 16.53
C PHE B 84 -6.36 -4.65 15.66
N ALA B 85 -6.58 -3.56 14.93
CA ALA B 85 -5.68 -3.10 13.89
C ALA B 85 -6.18 -1.74 13.41
N VAL B 86 -5.59 -1.25 12.32
CA VAL B 86 -5.98 0.01 11.70
C VAL B 86 -6.87 -0.30 10.51
N TYR B 87 -7.92 0.51 10.33
CA TYR B 87 -8.87 0.33 9.24
C TYR B 87 -8.95 1.60 8.41
N TYR B 88 -8.85 1.44 7.09
CA TYR B 88 -8.90 2.54 6.14
C TYR B 88 -10.08 2.36 5.19
N CYS B 89 -10.71 3.38 4.94
CA CYS B 89 -11.74 3.45 3.92
C CYS B 89 -11.12 3.93 2.61
N GLN B 90 -11.61 3.68 1.42
CA GLN B 90 -11.10 4.14 0.14
C GLN B 90 -12.28 4.42 -0.80
N GLN B 91 -12.22 5.54 -1.51
CA GLN B 91 -13.13 5.79 -2.61
C GLN B 91 -12.36 5.63 -3.90
N TYR B 92 -12.94 4.87 -4.84
CA TYR B 92 -12.33 4.64 -6.14
C TYR B 92 -13.32 4.95 -7.25
N GLY B 93 -14.20 5.91 -7.03
CA GLY B 93 -15.16 6.32 -8.03
C GLY B 93 -14.72 7.53 -8.83
N SER B 94 -13.83 8.34 -8.26
CA SER B 94 -13.43 9.60 -8.88
C SER B 94 -11.94 9.80 -8.68
N SER B 95 -11.21 9.96 -9.79
CA SER B 95 -9.77 10.14 -9.70
C SER B 95 -9.45 11.56 -9.19
N PRO B 96 -8.47 11.72 -8.29
CA PRO B 96 -7.64 10.63 -7.75
C PRO B 96 -8.38 9.81 -6.69
N GLN B 97 -8.24 8.49 -6.76
CA GLN B 97 -8.74 7.66 -5.68
C GLN B 97 -8.06 8.07 -4.38
N THR B 98 -8.83 8.13 -3.30
CA THR B 98 -8.32 8.64 -2.04
C THR B 98 -8.64 7.66 -0.92
N PHE B 99 -7.84 7.76 0.14
CA PHE B 99 -7.95 6.91 1.32
C PHE B 99 -8.20 7.77 2.56
N GLY B 100 -9.03 7.28 3.48
CA GLY B 100 -9.16 7.91 4.77
C GLY B 100 -7.89 7.81 5.57
N GLN B 101 -7.86 8.54 6.69
CA GLN B 101 -6.65 8.61 7.49
C GLN B 101 -6.55 7.48 8.52
N GLY B 102 -7.58 6.65 8.66
CA GLY B 102 -7.48 5.45 9.46
C GLY B 102 -8.08 5.53 10.84
N THR B 103 -8.70 4.44 11.28
CA THR B 103 -9.15 4.29 12.65
C THR B 103 -8.40 3.13 13.28
N LYS B 104 -7.77 3.38 14.42
CA LYS B 104 -7.10 2.32 15.17
C LYS B 104 -8.10 1.71 16.14
N VAL B 105 -8.33 0.41 16.01
CA VAL B 105 -9.18 -0.34 16.93
C VAL B 105 -8.29 -0.97 17.97
N GLU B 106 -8.39 -0.50 19.21
CA GLU B 106 -7.48 -0.84 20.29
C GLU B 106 -8.19 -1.68 21.33
N ILE B 107 -7.41 -2.54 22.01
CA ILE B 107 -7.94 -3.41 23.05
C ILE B 107 -8.14 -2.62 24.32
N LYS B 108 -9.37 -2.55 24.79
CA LYS B 108 -9.73 -2.00 26.09
C LYS B 108 -9.42 -3.02 27.18
N ARG B 109 -8.80 -2.58 28.28
CA ARG B 109 -8.57 -3.43 29.43
C ARG B 109 -8.57 -2.56 30.67
N THR B 110 -8.41 -3.20 31.84
CA THR B 110 -8.39 -2.46 33.09
C THR B 110 -7.14 -1.59 33.17
N VAL B 111 -7.26 -0.48 33.90
CA VAL B 111 -6.14 0.42 34.09
C VAL B 111 -4.98 -0.32 34.73
N ALA B 112 -3.78 -0.08 34.21
CA ALA B 112 -2.55 -0.63 34.77
C ALA B 112 -1.52 0.49 34.85
N ALA B 113 -1.05 0.77 36.06
CA ALA B 113 -0.02 1.78 36.24
C ALA B 113 1.32 1.26 35.73
N PRO B 114 2.20 2.14 35.24
CA PRO B 114 3.50 1.67 34.76
C PRO B 114 4.47 1.41 35.90
N SER B 115 5.37 0.47 35.66
CA SER B 115 6.60 0.34 36.44
C SER B 115 7.64 1.25 35.80
N VAL B 116 8.27 2.11 36.61
CA VAL B 116 9.14 3.17 36.10
C VAL B 116 10.58 2.85 36.49
N PHE B 117 11.49 2.98 35.53
CA PHE B 117 12.91 2.77 35.72
C PHE B 117 13.67 3.89 35.02
N ILE B 118 14.77 4.35 35.62
CA ILE B 118 15.64 5.34 34.99
C ILE B 118 17.03 4.73 34.86
N PHE B 119 17.67 4.98 33.71
CA PHE B 119 19.00 4.46 33.42
C PHE B 119 19.98 5.60 33.18
N PRO B 120 21.10 5.65 33.90
CA PRO B 120 22.13 6.65 33.61
C PRO B 120 22.88 6.29 32.34
N PRO B 121 23.56 7.26 31.73
CA PRO B 121 24.45 6.92 30.62
C PRO B 121 25.61 6.07 31.08
N SER B 122 26.05 5.17 30.21
CA SER B 122 27.20 4.34 30.48
C SER B 122 28.48 5.14 30.33
N ASP B 123 29.52 4.74 31.06
CA ASP B 123 30.84 5.33 30.86
C ASP B 123 31.30 5.18 29.43
N GLU B 124 30.87 4.11 28.75
CA GLU B 124 31.29 3.88 27.38
C GLU B 124 30.73 4.96 26.45
N GLN B 125 29.45 5.30 26.59
CA GLN B 125 28.90 6.37 25.77
C GLN B 125 29.55 7.71 26.11
N LEU B 126 29.83 7.95 27.40
CA LEU B 126 30.37 9.24 27.82
C LEU B 126 31.69 9.54 27.13
N LYS B 127 32.58 8.54 27.02
CA LYS B 127 33.86 8.66 26.33
C LYS B 127 33.71 9.12 24.88
N SER B 128 32.51 8.97 24.32
CA SER B 128 32.12 9.34 22.96
C SER B 128 31.70 10.79 22.85
N GLY B 129 31.44 11.46 23.97
CA GLY B 129 31.02 12.84 23.97
C GLY B 129 29.52 13.09 24.04
N THR B 130 28.71 12.04 24.19
CA THR B 130 27.27 12.17 24.32
C THR B 130 26.81 11.41 25.54
N ALA B 131 25.69 11.84 26.12
CA ALA B 131 25.09 11.18 27.27
C ALA B 131 23.60 11.04 27.00
N SER B 132 23.12 9.79 27.06
CA SER B 132 21.70 9.52 26.91
C SER B 132 21.17 8.96 28.22
N VAL B 133 20.12 9.60 28.74
CA VAL B 133 19.43 9.15 29.93
C VAL B 133 18.06 8.61 29.52
N VAL B 134 17.75 7.39 29.95
CA VAL B 134 16.56 6.69 29.49
C VAL B 134 15.60 6.51 30.66
N CYS B 135 14.33 6.84 30.44
CA CYS B 135 13.30 6.51 31.41
C CYS B 135 12.29 5.60 30.74
N LEU B 136 12.02 4.50 31.45
CA LEU B 136 11.21 3.41 30.94
C LEU B 136 9.90 3.32 31.71
N LEU B 137 8.78 3.35 30.97
CA LEU B 137 7.46 3.09 31.52
C LEU B 137 7.03 1.71 31.04
N ASN B 138 6.90 0.76 31.96
CA ASN B 138 6.71 -0.63 31.58
C ASN B 138 5.30 -1.11 31.89
N ASN B 139 4.62 -1.63 30.87
CA ASN B 139 3.41 -2.44 31.00
C ASN B 139 2.28 -1.65 31.68
N PHE B 140 1.79 -0.65 30.96
CA PHE B 140 0.72 0.19 31.48
C PHE B 140 -0.43 0.26 30.50
N TYR B 141 -1.61 0.64 31.01
CA TYR B 141 -2.80 0.91 30.22
C TYR B 141 -3.63 1.92 30.99
N PRO B 142 -4.24 2.92 30.34
CA PRO B 142 -4.23 3.23 28.90
C PRO B 142 -2.90 3.80 28.40
N ARG B 143 -2.83 4.08 27.10
CA ARG B 143 -1.57 4.48 26.49
C ARG B 143 -1.17 5.90 26.90
N GLU B 144 -2.14 6.77 27.15
CA GLU B 144 -1.74 8.15 27.39
C GLU B 144 -1.05 8.25 28.74
N ALA B 145 0.13 8.88 28.67
CA ALA B 145 1.00 9.06 29.82
C ALA B 145 1.80 10.33 29.63
N LYS B 146 2.23 10.91 30.75
CA LYS B 146 3.06 12.12 30.65
C LYS B 146 4.35 11.89 31.42
N VAL B 147 5.43 12.25 30.72
CA VAL B 147 6.78 12.08 31.22
C VAL B 147 7.47 13.44 31.21
N GLN B 148 7.92 13.89 32.38
CA GLN B 148 8.63 15.16 32.51
C GLN B 148 10.03 14.90 33.02
N TRP B 149 11.02 15.51 32.37
CA TRP B 149 12.41 15.40 32.79
C TRP B 149 12.80 16.60 33.63
N LYS B 150 13.55 16.35 34.70
CA LYS B 150 14.09 17.44 35.50
C LYS B 150 15.57 17.19 35.74
N VAL B 151 16.35 18.23 35.47
CA VAL B 151 17.80 18.22 35.65
C VAL B 151 18.12 19.28 36.69
N ASP B 152 18.76 18.87 37.79
CA ASP B 152 19.02 19.76 38.92
C ASP B 152 17.76 20.50 39.32
N ASN B 153 16.67 19.75 39.42
CA ASN B 153 15.33 20.21 39.81
C ASN B 153 14.69 21.16 38.79
N ALA B 154 15.35 21.46 37.68
CA ALA B 154 14.80 22.32 36.65
C ALA B 154 14.12 21.48 35.58
N LEU B 155 12.89 21.87 35.22
CA LEU B 155 12.19 21.04 34.24
C LEU B 155 12.69 21.31 32.84
N GLN B 156 12.75 20.23 32.07
CA GLN B 156 13.39 20.17 30.76
C GLN B 156 12.37 20.37 29.65
N SER B 157 12.88 20.77 28.48
CA SER B 157 12.03 20.92 27.31
C SER B 157 12.90 20.92 26.06
N GLY B 158 12.48 20.10 25.10
CA GLY B 158 13.12 20.06 23.79
C GLY B 158 14.34 19.17 23.66
N ASN B 159 14.69 18.40 24.69
CA ASN B 159 15.87 17.54 24.61
C ASN B 159 15.54 16.08 24.92
N SER B 160 14.30 15.66 24.66
CA SER B 160 13.90 14.28 24.91
C SER B 160 13.03 13.77 23.78
N GLN B 161 13.10 12.46 23.53
CA GLN B 161 12.32 11.78 22.50
C GLN B 161 11.64 10.55 23.10
N GLU B 162 10.37 10.35 22.75
CA GLU B 162 9.58 9.25 23.27
C GLU B 162 9.35 8.20 22.18
N SER B 163 9.21 6.95 22.62
CA SER B 163 8.88 5.84 21.73
C SER B 163 7.99 4.88 22.50
N VAL B 164 6.96 4.37 21.84
CA VAL B 164 5.91 3.55 22.44
C VAL B 164 5.82 2.22 21.69
N THR B 165 5.69 1.11 22.40
CA THR B 165 5.51 -0.19 21.75
C THR B 165 4.08 -0.34 21.25
N GLU B 166 3.87 -1.34 20.40
CA GLU B 166 2.52 -1.76 20.08
C GLU B 166 1.91 -2.46 21.30
N GLN B 167 0.59 -2.52 21.32
CA GLN B 167 -0.10 -3.18 22.42
C GLN B 167 0.32 -4.64 22.50
N ASP B 168 0.59 -5.10 23.72
CA ASP B 168 1.21 -6.40 23.92
C ASP B 168 0.20 -7.52 23.68
N SER B 169 0.67 -8.59 23.01
CA SER B 169 -0.22 -9.69 22.64
C SER B 169 -0.86 -10.34 23.87
N LYS B 170 -0.07 -10.54 24.93
CA LYS B 170 -0.55 -11.31 26.07
C LYS B 170 -1.39 -10.49 27.03
N ASP B 171 -0.90 -9.33 27.48
CA ASP B 171 -1.59 -8.58 28.53
C ASP B 171 -2.19 -7.26 28.04
N SER B 172 -2.04 -6.91 26.77
CA SER B 172 -2.69 -5.75 26.17
C SER B 172 -2.17 -4.42 26.72
N THR B 173 -0.96 -4.37 27.28
CA THR B 173 -0.41 -3.14 27.81
C THR B 173 0.51 -2.48 26.79
N TYR B 174 0.89 -1.25 27.10
CA TYR B 174 1.93 -0.54 26.35
C TYR B 174 3.17 -0.38 27.22
N SER B 175 4.30 -0.20 26.57
CA SER B 175 5.48 0.28 27.25
C SER B 175 6.05 1.46 26.46
N LEU B 176 6.72 2.35 27.20
CA LEU B 176 7.18 3.61 26.63
C LEU B 176 8.58 3.90 27.12
N SER B 177 9.39 4.47 26.24
CA SER B 177 10.69 4.97 26.65
C SER B 177 10.78 6.45 26.32
N SER B 178 11.39 7.19 27.23
CA SER B 178 11.73 8.55 26.87
C SER B 178 13.20 8.77 27.19
N THR B 179 13.84 9.34 26.18
CA THR B 179 15.30 9.40 26.11
C THR B 179 15.73 10.86 26.12
N LEU B 180 16.44 11.25 27.18
CA LEU B 180 17.00 12.59 27.31
C LEU B 180 18.44 12.56 26.80
N THR B 181 18.74 13.40 25.81
CA THR B 181 20.04 13.40 25.15
C THR B 181 20.75 14.72 25.44
N LEU B 182 21.97 14.63 25.98
CA LEU B 182 22.79 15.79 26.28
C LEU B 182 24.21 15.53 25.79
N SER B 183 24.94 16.62 25.56
CA SER B 183 26.37 16.49 25.34
C SER B 183 27.05 16.06 26.62
N LYS B 184 28.18 15.37 26.49
CA LYS B 184 28.94 14.97 27.66
C LYS B 184 29.26 16.16 28.56
N ALA B 185 29.64 17.29 27.95
CA ALA B 185 29.96 18.49 28.72
C ALA B 185 28.76 18.96 29.52
N ASP B 186 27.57 19.03 28.90
CA ASP B 186 26.39 19.46 29.63
C ASP B 186 25.98 18.45 30.70
N TYR B 187 26.11 17.16 30.39
CA TYR B 187 25.76 16.13 31.37
C TYR B 187 26.59 16.29 32.64
N GLU B 188 27.87 16.60 32.50
CA GLU B 188 28.76 16.74 33.65
C GLU B 188 28.58 18.07 34.39
N LYS B 189 27.79 18.99 33.85
CA LYS B 189 27.46 20.27 34.48
C LYS B 189 26.44 20.12 35.60
N HIS B 190 25.77 18.98 35.70
CA HIS B 190 24.65 18.80 36.60
C HIS B 190 24.77 17.46 37.31
N LYS B 191 24.01 17.31 38.39
CA LYS B 191 24.09 16.12 39.23
C LYS B 191 22.81 15.30 39.26
N VAL B 192 21.66 15.94 39.47
CA VAL B 192 20.40 15.23 39.73
C VAL B 192 19.63 15.09 38.43
N TYR B 193 19.34 13.85 38.04
CA TYR B 193 18.57 13.55 36.85
C TYR B 193 17.34 12.76 37.27
N ALA B 194 16.16 13.26 36.92
CA ALA B 194 14.92 12.67 37.40
C ALA B 194 13.90 12.59 36.27
N CYS B 195 13.15 11.49 36.27
CA CYS B 195 12.05 11.15 35.38
C CYS B 195 10.75 11.23 36.18
N GLU B 196 9.79 12.09 35.84
CA GLU B 196 8.54 12.22 36.58
C GLU B 196 7.39 11.79 35.68
N VAL B 197 6.62 10.79 36.14
CA VAL B 197 5.64 10.10 35.31
C VAL B 197 4.26 10.32 35.90
N THR B 198 3.33 10.78 35.06
CA THR B 198 1.92 11.00 35.37
C THR B 198 1.09 9.96 34.64
N HIS B 199 0.22 9.23 35.32
CA HIS B 199 -0.59 8.22 34.66
C HIS B 199 -1.85 7.95 35.45
N GLN B 200 -2.92 7.61 34.72
CA GLN B 200 -4.22 7.35 35.34
C GLN B 200 -4.13 6.30 36.45
N GLY B 201 -3.27 5.31 36.28
CA GLY B 201 -3.10 4.27 37.28
C GLY B 201 -2.29 4.64 38.49
N LEU B 202 -1.74 5.86 38.52
CA LEU B 202 -0.95 6.34 39.65
C LEU B 202 -1.76 7.37 40.43
N SER B 203 -1.78 7.24 41.75
CA SER B 203 -2.50 8.20 42.58
C SER B 203 -1.84 9.58 42.56
N SER B 204 -0.52 9.61 42.46
CA SER B 204 0.25 10.84 42.34
C SER B 204 1.44 10.56 41.45
N PRO B 205 1.99 11.57 40.77
CA PRO B 205 3.12 11.34 39.87
C PRO B 205 4.26 10.60 40.57
N VAL B 206 4.92 9.73 39.82
CA VAL B 206 6.02 8.92 40.32
C VAL B 206 7.31 9.45 39.72
N THR B 207 8.33 9.59 40.57
CA THR B 207 9.63 10.08 40.15
C THR B 207 10.69 9.01 40.37
N LYS B 208 11.53 8.79 39.36
CA LYS B 208 12.76 8.00 39.49
C LYS B 208 13.93 8.91 39.13
N SER B 209 14.99 8.86 39.93
CA SER B 209 16.09 9.79 39.78
C SER B 209 17.39 9.14 40.21
N PHE B 210 18.51 9.75 39.81
CA PHE B 210 19.84 9.32 40.21
C PHE B 210 20.74 10.54 40.26
N ASN B 211 21.84 10.42 41.01
CA ASN B 211 22.88 11.43 41.07
C ASN B 211 24.05 11.00 40.21
N ARG B 212 24.48 11.87 39.29
CA ARG B 212 25.61 11.57 38.44
C ARG B 212 26.85 11.28 39.28
N GLY B 213 27.49 10.15 39.00
CA GLY B 213 28.66 9.75 39.77
C GLY B 213 28.32 9.14 41.12
N GLU B 214 27.21 8.40 41.20
CA GLU B 214 26.88 7.72 42.44
C GLU B 214 26.05 6.47 42.19
N SER C 8 -1.04 4.72 -39.94
CA SER C 8 -1.01 5.81 -38.97
C SER C 8 -1.53 5.36 -37.61
N TRP C 9 -1.66 4.05 -37.42
CA TRP C 9 -2.17 3.51 -36.17
C TRP C 9 -1.12 3.58 -35.07
N HIS C 10 -1.57 3.87 -33.86
CA HIS C 10 -0.75 3.92 -32.67
C HIS C 10 -1.53 3.30 -31.53
N ILE C 11 -0.82 2.74 -30.56
CA ILE C 11 -1.51 2.07 -29.46
C ILE C 11 -2.31 3.08 -28.64
N ASN C 12 -1.83 4.32 -28.54
CA ASN C 12 -2.54 5.38 -27.83
C ASN C 12 -3.90 5.69 -28.44
N ARG C 13 -4.19 5.19 -29.64
CA ARG C 13 -5.47 5.42 -30.28
C ARG C 13 -6.51 4.36 -29.92
N THR C 14 -6.26 3.58 -28.86
CA THR C 14 -7.20 2.58 -28.39
C THR C 14 -8.11 3.19 -27.33
N ALA C 15 -9.42 3.20 -27.60
CA ALA C 15 -10.39 3.56 -26.57
C ALA C 15 -10.36 2.53 -25.44
N LEU C 16 -10.14 3.00 -24.22
CA LEU C 16 -10.14 2.15 -23.03
C LEU C 16 -11.18 2.69 -22.05
N ASN C 17 -12.44 2.56 -22.43
CA ASN C 17 -13.57 3.05 -21.65
C ASN C 17 -14.44 1.84 -21.33
N CYS C 18 -14.15 1.20 -20.21
CA CYS C 18 -14.81 -0.03 -19.79
C CYS C 18 -15.47 0.22 -18.45
N ASN C 19 -16.67 -0.33 -18.28
CA ASN C 19 -17.46 -0.06 -17.07
C ASN C 19 -18.28 -1.32 -16.78
N ASP C 20 -17.69 -2.25 -16.04
CA ASP C 20 -18.33 -3.52 -15.70
C ASP C 20 -19.34 -3.32 -14.57
N SER C 21 -20.38 -2.53 -14.89
CA SER C 21 -21.40 -2.22 -13.89
C SER C 21 -22.29 -3.42 -13.61
N LEU C 22 -22.44 -4.33 -14.58
CA LEU C 22 -23.21 -5.55 -14.35
C LEU C 22 -22.44 -6.59 -13.55
N GLN C 23 -21.16 -6.33 -13.25
CA GLN C 23 -20.34 -7.19 -12.39
C GLN C 23 -20.14 -8.57 -13.00
N THR C 24 -19.95 -8.62 -14.32
CA THR C 24 -19.81 -9.90 -15.01
C THR C 24 -18.37 -10.38 -15.12
N GLY C 25 -17.39 -9.50 -14.91
CA GLY C 25 -16.01 -9.89 -15.11
C GLY C 25 -15.58 -10.02 -16.55
N PHE C 26 -16.35 -9.45 -17.49
CA PHE C 26 -16.09 -9.67 -18.92
C PHE C 26 -14.72 -9.19 -19.37
N ILE C 27 -14.05 -8.32 -18.60
CA ILE C 27 -12.85 -7.67 -19.12
C ILE C 27 -11.62 -8.57 -19.11
N THR C 28 -11.69 -9.75 -18.49
CA THR C 28 -10.51 -10.59 -18.30
C THR C 28 -9.79 -10.88 -19.61
N SER C 29 -10.53 -11.27 -20.65
CA SER C 29 -9.89 -11.67 -21.89
C SER C 29 -9.31 -10.49 -22.68
N LEU C 30 -9.57 -9.25 -22.26
CA LEU C 30 -8.90 -8.11 -22.88
C LEU C 30 -7.41 -8.11 -22.55
N PHE C 31 -7.05 -8.58 -21.36
CA PHE C 31 -5.66 -8.64 -20.91
C PHE C 31 -5.09 -10.06 -20.99
N TYR C 32 -5.81 -11.03 -20.44
CA TYR C 32 -5.32 -12.40 -20.30
C TYR C 32 -5.24 -13.11 -21.65
N SER C 39 -17.67 -17.48 -22.76
CA SER C 39 -17.80 -18.87 -23.20
C SER C 39 -18.79 -18.98 -24.35
N GLY C 40 -19.88 -18.23 -24.19
CA GLY C 40 -20.94 -18.17 -25.17
C GLY C 40 -21.03 -16.79 -25.79
N CYS C 41 -21.53 -16.73 -27.02
CA CYS C 41 -21.67 -15.39 -27.60
C CYS C 41 -23.08 -14.90 -27.31
N GLN C 42 -23.07 -13.94 -26.39
CA GLN C 42 -24.30 -13.31 -25.93
C GLN C 42 -24.78 -12.27 -26.94
N ASN C 43 -26.08 -11.99 -26.90
CA ASN C 43 -26.78 -11.11 -27.83
C ASN C 43 -26.35 -11.38 -29.26
N TRP C 44 -26.51 -12.66 -29.62
CA TRP C 44 -26.09 -13.14 -30.92
C TRP C 44 -26.76 -12.35 -32.04
N ASP C 45 -25.97 -12.03 -33.07
CA ASP C 45 -26.44 -11.30 -34.23
C ASP C 45 -26.19 -12.16 -35.46
N GLU C 46 -27.27 -12.73 -36.01
CA GLU C 46 -27.15 -13.57 -37.19
C GLU C 46 -26.52 -12.76 -38.32
N PRO C 47 -25.54 -13.32 -39.05
CA PRO C 47 -24.74 -12.50 -39.97
C PRO C 47 -25.54 -11.75 -41.02
N HIS C 48 -26.56 -12.37 -41.61
CA HIS C 48 -27.43 -11.84 -42.66
C HIS C 48 -27.89 -10.41 -42.34
N TYR C 49 -28.16 -9.60 -43.37
CA TYR C 49 -28.70 -8.25 -43.32
C TYR C 49 -28.02 -7.42 -42.24
N PRO C 50 -26.83 -6.92 -42.56
CA PRO C 50 -26.04 -6.17 -41.58
C PRO C 50 -26.56 -4.76 -41.39
N ARG C 51 -26.39 -4.26 -40.17
CA ARG C 51 -26.70 -2.87 -39.94
C ARG C 51 -25.59 -1.97 -40.49
N PRO C 52 -25.92 -0.75 -40.90
CA PRO C 52 -24.91 0.12 -41.50
C PRO C 52 -23.96 0.70 -40.45
N CYS C 53 -22.70 0.87 -40.87
CA CYS C 53 -21.67 1.47 -40.03
C CYS C 53 -21.82 2.98 -39.98
N ASP C 54 -21.66 3.56 -38.80
CA ASP C 54 -21.73 5.01 -38.64
C ASP C 54 -20.58 5.51 -37.78
N VAL C 55 -20.81 6.59 -37.03
CA VAL C 55 -19.84 7.22 -36.15
C VAL C 55 -20.09 6.72 -34.74
N VAL C 56 -19.09 6.09 -34.11
CA VAL C 56 -19.23 5.54 -32.77
C VAL C 56 -18.50 6.44 -31.78
N SER C 57 -19.18 6.83 -30.71
CA SER C 57 -18.51 7.61 -29.69
C SER C 57 -17.52 6.72 -28.93
N ALA C 58 -16.29 7.21 -28.84
CA ALA C 58 -15.23 6.44 -28.18
C ALA C 58 -15.52 6.23 -26.71
N ARG C 59 -16.32 7.12 -26.10
CA ARG C 59 -16.62 6.91 -24.69
C ARG C 59 -17.44 5.64 -24.45
N THR C 60 -18.02 5.01 -25.47
CA THR C 60 -18.75 3.76 -25.32
C THR C 60 -17.92 2.53 -25.68
N VAL C 61 -16.64 2.68 -25.96
CA VAL C 61 -15.83 1.60 -26.55
C VAL C 61 -14.80 1.12 -25.53
N CYS C 62 -14.73 -0.20 -25.36
CA CYS C 62 -13.76 -0.83 -24.48
C CYS C 62 -12.84 -1.70 -25.33
N GLY C 63 -11.63 -1.20 -25.56
CA GLY C 63 -10.61 -1.95 -26.26
C GLY C 63 -10.63 -1.72 -27.76
N PRO C 64 -9.79 -2.46 -28.48
CA PRO C 64 -9.56 -2.17 -29.90
C PRO C 64 -10.79 -2.38 -30.76
N VAL C 65 -10.88 -1.55 -31.80
CA VAL C 65 -11.94 -1.63 -32.80
C VAL C 65 -11.35 -2.23 -34.06
N TYR C 66 -11.97 -3.29 -34.58
CA TYR C 66 -11.50 -3.94 -35.79
C TYR C 66 -12.53 -3.83 -36.89
N CYS C 67 -12.05 -3.56 -38.10
CA CYS C 67 -12.89 -3.70 -39.28
C CYS C 67 -12.24 -4.71 -40.22
N PHE C 68 -13.01 -5.13 -41.22
CA PHE C 68 -12.66 -6.29 -42.03
C PHE C 68 -12.99 -5.95 -43.47
N THR C 69 -11.94 -5.79 -44.28
CA THR C 69 -11.85 -5.17 -45.59
C THR C 69 -11.88 -6.10 -46.80
N PRO C 70 -11.88 -7.44 -46.65
CA PRO C 70 -12.12 -8.41 -45.57
C PRO C 70 -10.93 -8.60 -44.62
N SER C 71 -9.74 -8.16 -45.00
CA SER C 71 -8.62 -8.33 -44.08
C SER C 71 -8.86 -7.52 -42.80
N PRO C 72 -8.34 -7.99 -41.68
CA PRO C 72 -8.57 -7.31 -40.40
C PRO C 72 -7.70 -6.05 -40.27
N VAL C 73 -8.33 -4.94 -39.89
CA VAL C 73 -7.57 -3.71 -39.67
C VAL C 73 -8.13 -3.00 -38.44
N VAL C 74 -7.21 -2.50 -37.63
CA VAL C 74 -7.54 -1.76 -36.42
C VAL C 74 -7.86 -0.31 -36.77
N VAL C 75 -8.91 0.23 -36.16
CA VAL C 75 -9.31 1.62 -36.34
C VAL C 75 -9.05 2.37 -35.04
N GLY C 76 -8.38 3.51 -35.14
CA GLY C 76 -8.04 4.30 -33.98
C GLY C 76 -8.97 5.49 -33.78
N THR C 77 -8.98 6.00 -32.55
CA THR C 77 -9.78 7.18 -32.23
C THR C 77 -9.38 8.35 -33.10
N THR C 78 -10.38 9.14 -33.51
CA THR C 78 -10.17 10.44 -34.13
C THR C 78 -11.07 11.44 -33.43
N ASP C 79 -10.95 12.71 -33.83
CA ASP C 79 -11.96 13.68 -33.48
C ASP C 79 -13.07 13.65 -34.53
N LYS C 80 -14.13 14.43 -34.28
CA LYS C 80 -15.25 14.32 -35.22
C LYS C 80 -14.91 14.85 -36.61
N LEU C 81 -13.72 15.39 -36.83
CA LEU C 81 -13.39 15.72 -38.22
C LEU C 81 -12.37 14.76 -38.83
N GLY C 82 -12.13 13.63 -38.18
CA GLY C 82 -11.30 12.60 -38.77
C GLY C 82 -9.82 12.70 -38.47
N ILE C 83 -9.42 13.57 -37.55
CA ILE C 83 -8.02 13.78 -37.22
C ILE C 83 -7.63 12.78 -36.13
N PRO C 84 -6.60 11.95 -36.33
CA PRO C 84 -6.19 11.00 -35.29
C PRO C 84 -5.96 11.67 -33.95
N THR C 85 -6.44 11.01 -32.90
CA THR C 85 -6.24 11.46 -31.52
C THR C 85 -5.61 10.35 -30.71
N TYR C 86 -4.83 10.74 -29.70
CA TYR C 86 -3.93 9.80 -29.03
C TYR C 86 -4.16 9.78 -27.52
N ASN C 87 -5.41 9.95 -27.08
CA ASN C 87 -5.76 10.11 -25.67
C ASN C 87 -6.42 8.86 -25.06
N TRP C 88 -6.22 7.69 -25.66
CA TRP C 88 -6.83 6.45 -25.17
C TRP C 88 -8.35 6.56 -25.09
N GLY C 89 -8.94 7.36 -25.98
CA GLY C 89 -10.37 7.55 -25.98
C GLY C 89 -10.91 8.35 -24.81
N GLU C 90 -10.07 9.11 -24.10
CA GLU C 90 -10.52 9.80 -22.90
C GLU C 90 -11.42 11.00 -23.23
N ASN C 91 -11.14 11.67 -24.34
CA ASN C 91 -11.86 12.89 -24.69
C ASN C 91 -13.28 12.56 -25.11
N GLU C 92 -14.26 13.28 -24.56
CA GLU C 92 -15.59 12.82 -24.93
C GLU C 92 -16.01 13.28 -26.32
N THR C 93 -15.12 13.87 -27.10
CA THR C 93 -15.35 14.09 -28.52
C THR C 93 -14.63 13.08 -29.40
N ASP C 94 -13.82 12.19 -28.82
CA ASP C 94 -13.20 11.11 -29.60
C ASP C 94 -14.28 10.20 -30.16
N VAL C 95 -14.10 9.78 -31.41
CA VAL C 95 -15.05 8.91 -32.09
C VAL C 95 -14.28 7.95 -32.98
N PHE C 96 -14.99 6.91 -33.45
CA PHE C 96 -14.53 6.02 -34.49
C PHE C 96 -15.41 6.24 -35.71
N MET C 97 -14.82 6.77 -36.78
CA MET C 97 -15.57 7.08 -38.03
C MET C 97 -15.55 5.82 -38.90
N LEU C 98 -16.43 4.88 -38.59
CA LEU C 98 -16.55 3.55 -39.25
C LEU C 98 -16.89 3.67 -40.74
N GLU C 99 -17.72 4.63 -41.14
CA GLU C 99 -18.06 4.62 -42.58
C GLU C 99 -16.79 4.92 -43.40
N SER C 100 -15.95 5.87 -42.98
CA SER C 100 -14.71 6.21 -43.72
C SER C 100 -13.77 5.00 -43.82
N PHE C 105 -15.52 -1.71 -44.12
CA PHE C 105 -16.75 -2.33 -44.61
C PHE C 105 -17.56 -2.92 -43.45
N GLY C 106 -17.08 -4.00 -42.85
CA GLY C 106 -17.67 -4.58 -41.64
C GLY C 106 -16.74 -4.37 -40.45
N CYS C 107 -17.33 -4.10 -39.28
CA CYS C 107 -16.54 -3.78 -38.09
C CYS C 107 -17.18 -4.37 -36.84
N THR C 108 -16.38 -4.50 -35.79
CA THR C 108 -16.84 -5.04 -34.51
C THR C 108 -15.99 -4.47 -33.38
N TRP C 109 -16.60 -4.33 -32.21
CA TRP C 109 -15.91 -3.85 -31.02
C TRP C 109 -16.72 -4.24 -29.79
N MET C 110 -16.08 -4.13 -28.63
CA MET C 110 -16.75 -4.35 -27.34
C MET C 110 -17.18 -2.99 -26.80
N ASN C 111 -18.43 -2.91 -26.33
CA ASN C 111 -18.84 -1.66 -25.72
C ASN C 111 -18.55 -1.69 -24.22
N SER C 112 -18.70 -0.53 -23.58
CA SER C 112 -18.11 -0.36 -22.25
C SER C 112 -18.69 -1.32 -21.22
N THR C 113 -19.93 -1.78 -21.40
CA THR C 113 -20.56 -2.63 -20.41
C THR C 113 -20.44 -4.12 -20.76
N GLY C 114 -19.72 -4.46 -21.82
CA GLY C 114 -19.42 -5.85 -22.12
C GLY C 114 -20.21 -6.46 -23.25
N PHE C 115 -20.86 -5.67 -24.09
CA PHE C 115 -21.65 -6.17 -25.20
C PHE C 115 -20.87 -6.04 -26.49
N THR C 116 -20.81 -7.11 -27.27
CA THR C 116 -20.13 -7.09 -28.55
C THR C 116 -21.02 -6.40 -29.58
N LYS C 117 -20.45 -5.43 -30.29
CA LYS C 117 -21.20 -4.69 -31.29
C LYS C 117 -20.60 -4.91 -32.67
N THR C 118 -21.46 -4.86 -33.68
CA THR C 118 -21.04 -5.05 -35.06
C THR C 118 -21.82 -4.11 -35.96
N CYS C 119 -21.22 -3.78 -37.10
CA CYS C 119 -21.91 -3.09 -38.19
C CYS C 119 -21.29 -3.57 -39.50
N GLY C 120 -22.04 -3.38 -40.58
CA GLY C 120 -21.54 -3.74 -41.91
C GLY C 120 -21.24 -5.22 -42.11
N ALA C 121 -20.54 -5.50 -43.20
CA ALA C 121 -20.15 -6.85 -43.59
C ALA C 121 -18.84 -6.76 -44.35
N PRO C 122 -18.09 -7.87 -44.42
CA PRO C 122 -16.87 -7.90 -45.25
C PRO C 122 -17.18 -7.85 -46.75
N GLY C 129 -24.73 -12.63 -46.61
CA GLY C 129 -24.40 -11.21 -46.53
C GLY C 129 -23.21 -10.98 -45.60
N GLY C 130 -23.33 -11.43 -44.36
CA GLY C 130 -22.28 -11.27 -43.37
C GLY C 130 -22.53 -10.11 -42.44
N SER C 131 -21.85 -10.16 -41.28
CA SER C 131 -21.98 -9.12 -40.26
C SER C 131 -20.66 -9.03 -39.50
N GLY C 132 -20.10 -7.83 -39.39
CA GLY C 132 -18.83 -7.64 -38.74
C GLY C 132 -17.75 -8.46 -39.40
N PRO C 133 -17.10 -9.35 -38.62
CA PRO C 133 -16.08 -10.23 -39.20
C PRO C 133 -16.64 -11.50 -39.81
N TRP C 134 -17.94 -11.75 -39.69
CA TRP C 134 -18.52 -13.01 -40.14
C TRP C 134 -18.72 -12.98 -41.65
N ILE C 135 -18.26 -14.04 -42.31
CA ILE C 135 -18.50 -14.24 -43.74
C ILE C 135 -19.82 -14.98 -43.95
N THR C 136 -19.95 -16.12 -43.28
CA THR C 136 -21.16 -16.93 -43.24
C THR C 136 -21.46 -17.23 -41.78
N PRO C 137 -22.63 -17.82 -41.49
CA PRO C 137 -22.92 -18.16 -40.09
C PRO C 137 -21.91 -19.11 -39.45
N ARG C 138 -21.04 -19.74 -40.25
CA ARG C 138 -20.10 -20.73 -39.68
C ARG C 138 -18.63 -20.28 -39.74
N CYS C 139 -18.34 -19.17 -40.44
CA CYS C 139 -16.95 -18.72 -40.58
C CYS C 139 -16.86 -17.22 -40.35
N LEU C 140 -15.71 -16.79 -39.85
CA LEU C 140 -15.43 -15.38 -39.59
C LEU C 140 -13.93 -15.14 -39.74
N VAL C 141 -13.57 -13.88 -39.99
CA VAL C 141 -12.17 -13.52 -40.13
C VAL C 141 -11.48 -13.65 -38.77
N ASP C 142 -10.28 -14.23 -38.78
CA ASP C 142 -9.47 -14.28 -37.57
C ASP C 142 -8.79 -12.95 -37.33
N TYR C 143 -8.69 -12.55 -36.06
CA TYR C 143 -7.99 -11.33 -35.68
C TYR C 143 -7.65 -11.45 -34.19
N PRO C 144 -6.71 -10.63 -33.69
CA PRO C 144 -6.18 -10.87 -32.33
C PRO C 144 -7.21 -10.84 -31.22
N TYR C 145 -8.34 -10.16 -31.39
CA TYR C 145 -9.33 -10.08 -30.32
C TYR C 145 -10.59 -10.85 -30.64
N ARG C 146 -10.49 -11.86 -31.50
CA ARG C 146 -11.65 -12.65 -31.89
C ARG C 146 -12.25 -13.38 -30.69
N LEU C 147 -11.41 -14.02 -29.88
CA LEU C 147 -11.97 -14.81 -28.80
C LEU C 147 -12.55 -13.93 -27.69
N TRP C 148 -12.09 -12.69 -27.53
CA TRP C 148 -12.74 -11.80 -26.57
C TRP C 148 -14.08 -11.31 -27.11
N HIS C 149 -14.12 -10.94 -28.40
CA HIS C 149 -15.37 -10.47 -28.98
C HIS C 149 -16.36 -11.62 -29.21
N TYR C 150 -15.87 -12.82 -29.51
CA TYR C 150 -16.72 -13.96 -29.85
C TYR C 150 -16.20 -15.19 -29.13
N PRO C 151 -16.47 -15.28 -27.82
CA PRO C 151 -15.94 -16.43 -27.05
C PRO C 151 -16.52 -17.77 -27.49
N CYS C 152 -17.68 -17.79 -28.13
CA CYS C 152 -18.22 -19.06 -28.60
C CYS C 152 -17.43 -19.66 -29.76
N THR C 153 -16.39 -18.98 -30.24
CA THR C 153 -15.59 -19.50 -31.36
C THR C 153 -14.23 -20.03 -30.92
N VAL C 154 -14.05 -20.28 -29.62
CA VAL C 154 -12.75 -20.72 -29.08
C VAL C 154 -12.24 -21.94 -29.82
N ASN C 155 -13.12 -22.91 -30.09
CA ASN C 155 -12.70 -24.16 -30.70
C ASN C 155 -12.80 -24.16 -32.22
N PHE C 156 -12.93 -22.99 -32.85
CA PHE C 156 -13.01 -22.94 -34.30
C PHE C 156 -11.67 -23.31 -34.95
N THR C 157 -11.75 -23.87 -36.17
CA THR C 157 -10.53 -24.20 -36.90
C THR C 157 -10.18 -23.09 -37.87
N LEU C 158 -8.87 -22.95 -38.10
CA LEU C 158 -8.36 -21.84 -38.90
C LEU C 158 -7.89 -22.32 -40.27
N HIS C 159 -8.27 -21.56 -41.30
CA HIS C 159 -8.10 -21.81 -42.71
C HIS C 159 -7.48 -20.58 -43.37
N LYS C 160 -6.44 -20.69 -44.19
CA LYS C 160 -5.95 -19.57 -44.99
C LYS C 160 -6.95 -19.23 -46.08
N VAL C 161 -7.16 -17.94 -46.34
CA VAL C 161 -8.10 -17.48 -47.36
C VAL C 161 -7.43 -16.44 -48.24
N ARG C 162 -7.78 -16.45 -49.52
CA ARG C 162 -7.34 -15.37 -50.38
C ARG C 162 -8.53 -14.90 -51.21
N MET C 163 -8.61 -13.58 -51.27
CA MET C 163 -9.75 -12.93 -51.90
C MET C 163 -9.28 -11.66 -52.59
N PHE C 164 -9.92 -11.33 -53.70
CA PHE C 164 -9.62 -10.12 -54.45
C PHE C 164 -10.84 -9.20 -54.40
N VAL C 165 -10.61 -7.95 -54.05
CA VAL C 165 -11.65 -6.93 -54.00
C VAL C 165 -11.17 -5.76 -54.84
N GLY C 166 -11.72 -5.61 -56.04
CA GLY C 166 -11.34 -4.54 -56.93
C GLY C 166 -9.87 -4.55 -57.31
N GLY C 167 -9.35 -5.73 -57.66
CA GLY C 167 -7.95 -5.88 -58.00
C GLY C 167 -7.02 -5.99 -56.80
N ILE C 168 -7.49 -5.67 -55.60
CA ILE C 168 -6.56 -5.74 -54.49
C ILE C 168 -6.70 -7.09 -53.79
N GLU C 169 -5.52 -7.66 -53.56
CA GLU C 169 -5.38 -9.01 -53.03
C GLU C 169 -5.42 -8.98 -51.51
N HIS C 170 -6.29 -9.79 -50.92
CA HIS C 170 -6.40 -9.93 -49.48
C HIS C 170 -5.99 -11.35 -49.08
N ARG C 171 -5.11 -11.44 -48.08
CA ARG C 171 -4.76 -12.74 -47.50
C ARG C 171 -5.00 -12.66 -46.00
N PHE C 172 -5.86 -13.56 -45.53
CA PHE C 172 -6.25 -13.57 -44.12
C PHE C 172 -6.64 -14.97 -43.72
N ASP C 173 -6.61 -15.22 -42.41
CA ASP C 173 -7.09 -16.47 -41.85
C ASP C 173 -8.57 -16.36 -41.51
N ALA C 174 -9.30 -17.44 -41.70
CA ALA C 174 -10.69 -17.52 -41.28
C ALA C 174 -10.86 -18.62 -40.25
N ALA C 175 -11.68 -18.35 -39.24
CA ALA C 175 -12.01 -19.33 -38.22
C ALA C 175 -13.40 -19.89 -38.52
N CYS C 176 -13.51 -21.22 -38.56
CA CYS C 176 -14.82 -21.79 -38.84
C CYS C 176 -15.11 -22.94 -37.90
N ASN C 177 -16.42 -23.16 -37.74
CA ASN C 177 -16.92 -24.27 -36.94
C ASN C 177 -16.95 -25.55 -37.78
C1 NAG D . -20.41 3.24 -14.85
C2 NAG D . -20.49 4.77 -14.93
C3 NAG D . -21.33 5.33 -13.79
C4 NAG D . -22.68 4.63 -13.72
C5 NAG D . -22.48 3.13 -13.63
C6 NAG D . -23.77 2.36 -13.64
C7 NAG D . -18.65 6.00 -16.00
C8 NAG D . -17.27 6.55 -15.82
N2 NAG D . -19.17 5.37 -14.94
O3 NAG D . -21.50 6.73 -13.99
O4 NAG D . -23.40 5.07 -12.57
O5 NAG D . -21.73 2.68 -14.78
O6 NAG D . -24.45 2.50 -14.88
O7 NAG D . -19.28 6.14 -17.04
C1 NAG D . -24.43 5.99 -12.97
C2 NAG D . -25.51 6.02 -11.87
C3 NAG D . -26.59 7.06 -12.22
C4 NAG D . -25.96 8.41 -12.50
C5 NAG D . -24.88 8.28 -13.58
C6 NAG D . -24.13 9.57 -13.84
C7 NAG D . -25.82 3.90 -10.67
C8 NAG D . -26.54 2.59 -10.65
N2 NAG D . -26.10 4.72 -11.70
O3 NAG D . -27.49 7.17 -11.13
O4 NAG D . -26.95 9.33 -12.95
O5 NAG D . -23.90 7.31 -13.16
O6 NAG D . -23.00 9.69 -12.99
O7 NAG D . -25.01 4.23 -9.80
C1 NAG E . -23.73 -1.62 -24.42
C2 NAG E . -24.30 -0.31 -23.87
C3 NAG E . -25.55 -0.59 -23.03
C4 NAG E . -26.55 -1.43 -23.79
C5 NAG E . -25.87 -2.68 -24.36
C6 NAG E . -26.77 -3.53 -25.22
C7 NAG E . -22.85 1.62 -23.42
C8 NAG E . -21.81 2.20 -22.50
N2 NAG E . -23.30 0.41 -23.09
O3 NAG E . -26.13 0.66 -22.68
O4 NAG E . -27.56 -1.89 -22.89
O5 NAG E . -24.74 -2.30 -25.16
O6 NAG E . -26.99 -2.96 -26.50
O7 NAG E . -23.25 2.22 -24.42
C1 NAG E . -28.81 -1.20 -22.94
C2 NAG E . -29.87 -2.19 -22.44
C3 NAG E . -31.24 -1.51 -22.36
C4 NAG E . -31.16 -0.25 -21.50
C5 NAG E . -30.07 0.66 -22.06
C6 NAG E . -29.84 1.89 -21.19
C7 NAG E . -29.63 -4.59 -22.86
C8 NAG E . -29.73 -5.68 -23.88
N2 NAG E . -29.93 -3.36 -23.30
O3 NAG E . -32.17 -2.43 -21.78
O4 NAG E . -32.41 0.42 -21.49
O5 NAG E . -28.82 -0.04 -22.11
O6 NAG E . -29.85 1.55 -19.81
O7 NAG E . -29.29 -4.81 -21.70
C1 NAG F . -11.01 17.36 -25.90
C2 NAG F . -10.22 18.25 -24.95
C3 NAG F . -10.50 19.73 -25.22
C4 NAG F . -10.36 20.07 -26.70
C5 NAG F . -11.11 19.06 -27.58
C6 NAG F . -10.82 19.21 -29.05
C7 NAG F . -9.63 17.94 -22.59
C8 NAG F . -10.14 17.60 -21.22
N2 NAG F . -10.53 17.93 -23.57
O3 NAG F . -9.62 20.54 -24.45
O4 NAG F . -10.97 21.34 -26.84
O5 NAG F . -10.72 17.73 -27.23
O6 NAG F . -11.70 18.41 -29.84
O7 NAG F . -8.45 18.22 -22.79
C1 NAG F . -10.54 22.32 -27.83
C2 NAG F . -11.44 23.50 -27.50
C3 NAG F . -11.18 24.65 -28.48
C4 NAG F . -9.71 25.02 -28.45
C5 NAG F . -8.85 23.79 -28.74
C6 NAG F . -7.37 24.05 -28.62
C7 NAG F . -13.55 22.90 -26.41
C8 NAG F . -14.98 22.48 -26.60
N2 NAG F . -12.84 23.11 -27.52
O3 NAG F . -11.99 25.76 -28.11
O4 NAG F . -9.46 26.04 -29.41
O5 NAG F . -9.16 22.73 -27.80
O6 NAG F . -7.03 24.58 -27.35
O7 NAG F . -13.07 23.04 -25.29
C1 BMA F . -8.90 27.23 -28.82
C2 BMA F . -7.99 27.90 -29.89
C3 BMA F . -7.41 29.20 -29.29
C4 BMA F . -8.54 30.13 -28.83
C5 BMA F . -9.33 29.39 -27.74
C6 BMA F . -10.45 30.23 -27.12
O2 BMA F . -8.74 28.25 -31.03
O3 BMA F . -6.52 29.87 -30.18
O4 BMA F . -7.99 31.33 -28.31
O5 BMA F . -9.89 28.16 -28.33
O6 BMA F . -10.94 31.13 -28.11
C1 MAN F . -5.20 29.71 -29.60
C2 MAN F . -4.46 31.09 -29.58
C3 MAN F . -3.97 31.47 -30.98
C4 MAN F . -3.20 30.31 -31.58
C5 MAN F . -4.11 29.10 -31.66
C6 MAN F . -3.42 27.91 -32.24
O2 MAN F . -3.29 31.02 -28.77
O3 MAN F . -3.16 32.65 -30.95
O4 MAN F . -2.71 30.66 -32.87
O5 MAN F . -4.48 28.73 -30.34
O6 MAN F . -3.22 26.97 -31.18
C1 NAG G . 0.72 7.81 -25.15
C2 NAG G . 1.08 9.28 -25.02
C3 NAG G . 2.36 9.45 -24.20
C4 NAG G . 2.22 8.73 -22.87
C5 NAG G . 1.79 7.28 -23.07
C6 NAG G . 1.55 6.52 -21.78
C7 NAG G . 2.03 9.53 -27.31
C8 NAG G . 1.97 10.33 -28.56
N2 NAG G . 1.19 9.93 -26.32
O3 NAG G . 2.61 10.83 -23.98
O4 NAG G . 3.46 8.76 -22.17
O5 NAG G . 0.56 7.23 -23.83
O6 NAG G . 0.28 6.79 -21.20
O7 NAG G . 2.79 8.58 -27.17
#